data_5D6A
#
_entry.id   5D6A
#
_cell.length_a   104.957
_cell.length_b   104.957
_cell.length_c   85.354
_cell.angle_alpha   90.00
_cell.angle_beta   90.00
_cell.angle_gamma   120.00
#
_symmetry.space_group_name_H-M   'P 31 2 1'
#
loop_
_entity.id
_entity.type
_entity.pdbx_description
1 polymer 'Predicted ATPase of the ABC class'
2 non-polymer 'SODIUM ION'
3 non-polymer 'PHOSPHOAMINOPHOSPHONIC ACID-ADENYLATE ESTER'
4 water water
#
_entity_poly.entity_id   1
_entity_poly.type   'polypeptide(L)'
_entity_poly.pdbx_seq_one_letter_code
;(MSE)HHHHHHSSGVDLGTENLYFQSNA(MSE)DQLIAKLKKLEKQNYRAYQQIKGQYNFTDFDLFIDHIQSDPYASASR
FRAFRAWSLTGLSWLKEESAAFQLGARDFIARSFAEFAKQENAIAISLHGQTVLDSTSVLFTEEGIELRFRVNLPAEGRD
ILAKKAINIITFHLPKFIRRSTIERELDKEALLTHCQVVEDQEALREQLEVNGLVSFVANGSILPRVAGNCDLP(MSE)K
DAVEFTAPESLQVTLHAPNRGYVTGLGIPKGITLIVGGGFHGKSTLLNAIERSIYNHIPGDGREYIVTDGSA(MSE)KIR
AEEGRCVHHLNLSNYINHLP(MSE)GKDTADFTTQDASGSTSQAAWLQESVEAGASTLLIDEDTSATNF(MSE)IRDER
(MSE)QALVAKGDEPITPLVDRIGQLRDELEISTIIV(MSE)GGSGDYLDVADNVIQ(MSE)HDYQALDVTEKAKEVIQL
HPTQRHNESEAPLVTFPPRALHCSAL(MSE)NILTDGKFRVSAKGKDSLRFGKEFTDLSALEQLESSDEVNAIGWVWYQL
AQHAGWNSNPAKQISELLGDAWFQN(MSE)PQHGDLAKPRPIDV(MSE)AALNR(MSE)RKSQFRNNH
;
_entity_poly.pdbx_strand_id   A
#
# COMPACT_ATOMS: atom_id res chain seq x y z
N SER A 22 -16.31 6.24 35.95
CA SER A 22 -17.02 5.42 36.97
C SER A 22 -18.48 5.89 37.16
N ASN A 23 -18.67 7.20 37.28
CA ASN A 23 -20.02 7.76 37.44
C ASN A 23 -20.80 7.65 36.13
N ALA A 24 -20.15 8.07 35.04
CA ALA A 24 -20.75 8.00 33.71
C ALA A 24 -20.85 6.53 33.27
N ASP A 26 -21.40 3.99 35.42
CA ASP A 26 -22.55 3.47 36.17
C ASP A 26 -23.84 3.96 35.54
N GLN A 27 -23.78 5.15 34.95
CA GLN A 27 -24.91 5.74 34.25
C GLN A 27 -25.26 4.86 33.06
N LEU A 28 -24.21 4.45 32.33
CA LEU A 28 -24.38 3.58 31.17
C LEU A 28 -24.88 2.20 31.59
N ILE A 29 -24.26 1.62 32.61
CA ILE A 29 -24.66 0.31 33.11
C ILE A 29 -26.16 0.27 33.37
N ALA A 30 -26.64 1.18 34.21
CA ALA A 30 -28.06 1.27 34.56
C ALA A 30 -28.93 1.50 33.32
N LYS A 31 -28.44 2.34 32.41
CA LYS A 31 -29.13 2.66 31.17
C LYS A 31 -29.19 1.44 30.25
N LEU A 32 -28.17 0.59 30.36
CA LEU A 32 -28.07 -0.60 29.53
C LEU A 32 -28.94 -1.76 30.07
N LYS A 33 -29.12 -1.82 31.39
CA LYS A 33 -29.96 -2.85 32.01
C LYS A 33 -31.39 -2.81 31.50
N LYS A 34 -31.92 -1.59 31.34
CA LYS A 34 -33.29 -1.40 30.87
C LYS A 34 -33.55 -1.96 29.48
N LEU A 35 -32.49 -2.11 28.68
CA LEU A 35 -32.61 -2.61 27.32
C LEU A 35 -32.68 -4.15 27.25
N GLU A 36 -32.74 -4.82 28.41
CA GLU A 36 -32.79 -6.28 28.43
C GLU A 36 -34.03 -6.83 27.73
N LYS A 37 -33.83 -7.83 26.87
CA LYS A 37 -34.90 -8.50 26.12
C LYS A 37 -35.70 -7.61 25.15
N GLN A 38 -35.27 -6.36 24.95
CA GLN A 38 -35.96 -5.48 24.02
C GLN A 38 -35.45 -5.72 22.60
N ASN A 39 -36.12 -5.11 21.63
CA ASN A 39 -35.75 -5.27 20.22
C ASN A 39 -34.32 -4.78 19.98
N TYR A 40 -33.60 -5.44 19.08
CA TYR A 40 -32.20 -5.09 18.78
C TYR A 40 -32.05 -3.62 18.38
N ARG A 41 -33.13 -3.05 17.85
CA ARG A 41 -33.15 -1.66 17.44
C ARG A 41 -32.83 -0.73 18.62
N ALA A 42 -33.19 -1.18 19.83
CA ALA A 42 -32.97 -0.39 21.05
C ALA A 42 -31.50 0.00 21.31
N TYR A 43 -30.55 -0.72 20.75
CA TYR A 43 -29.13 -0.36 20.94
C TYR A 43 -28.81 1.07 20.50
N GLN A 44 -29.63 1.62 19.60
CA GLN A 44 -29.45 2.99 19.12
C GLN A 44 -29.38 4.01 20.26
N GLN A 45 -30.00 3.67 21.40
CA GLN A 45 -30.01 4.55 22.56
C GLN A 45 -28.66 4.61 23.28
N ILE A 46 -27.80 3.63 23.01
CA ILE A 46 -26.47 3.56 23.61
C ILE A 46 -25.53 4.57 22.95
N LYS A 47 -25.84 4.93 21.71
CA LYS A 47 -25.05 5.89 20.93
C LYS A 47 -24.68 7.12 21.76
N GLY A 48 -23.42 7.55 21.68
CA GLY A 48 -22.97 8.73 22.41
C GLY A 48 -21.60 8.61 23.04
N GLN A 49 -21.24 9.62 23.83
CA GLN A 49 -19.96 9.66 24.53
C GLN A 49 -20.15 9.33 26.00
N TYR A 50 -19.17 8.64 26.58
CA TYR A 50 -19.20 8.27 27.99
C TYR A 50 -17.83 8.51 28.58
N ASN A 51 -17.75 9.45 29.52
CA ASN A 51 -16.48 9.78 30.16
C ASN A 51 -16.19 8.86 31.36
N PHE A 52 -15.49 7.76 31.08
CA PHE A 52 -15.10 6.81 32.12
C PHE A 52 -14.05 7.46 33.01
N THR A 53 -13.50 6.68 33.93
CA THR A 53 -12.48 7.18 34.84
C THR A 53 -11.15 7.45 34.14
N ASP A 54 -10.59 6.43 33.50
CA ASP A 54 -9.29 6.53 32.83
C ASP A 54 -9.36 6.89 31.34
N PHE A 55 -10.57 6.99 30.79
CA PHE A 55 -10.70 7.30 29.36
C PHE A 55 -12.10 7.74 28.96
N ASP A 56 -12.21 8.21 27.73
CA ASP A 56 -13.48 8.62 27.15
C ASP A 56 -13.87 7.55 26.15
N LEU A 57 -15.09 7.04 26.27
CA LEU A 57 -15.57 5.99 25.36
C LEU A 57 -16.55 6.61 24.37
N PHE A 58 -16.33 6.32 23.09
CA PHE A 58 -17.19 6.81 22.02
C PHE A 58 -17.81 5.66 21.27
N ILE A 59 -19.14 5.68 21.14
CA ILE A 59 -19.88 4.66 20.41
C ILE A 59 -20.49 5.40 19.21
N ASP A 60 -19.82 5.28 18.06
CA ASP A 60 -20.19 6.02 16.85
C ASP A 60 -21.29 5.44 15.97
N HIS A 61 -21.17 4.18 15.59
CA HIS A 61 -22.18 3.56 14.73
C HIS A 61 -22.67 2.26 15.30
N ILE A 62 -23.99 2.17 15.49
CA ILE A 62 -24.62 0.98 16.02
C ILE A 62 -25.14 0.13 14.86
N GLN A 63 -24.65 -1.10 14.76
CA GLN A 63 -25.10 -2.02 13.72
C GLN A 63 -26.60 -2.27 13.89
N SER A 64 -27.28 -2.47 12.77
CA SER A 64 -28.72 -2.72 12.78
C SER A 64 -29.05 -4.21 12.82
N ASP A 65 -28.02 -5.05 12.82
CA ASP A 65 -28.22 -6.49 12.79
C ASP A 65 -26.99 -7.20 13.36
N PRO A 66 -27.20 -8.17 14.28
CA PRO A 66 -26.06 -8.92 14.82
C PRO A 66 -25.17 -9.52 13.73
N TYR A 67 -25.79 -9.90 12.60
CA TYR A 67 -25.05 -10.49 11.48
C TYR A 67 -24.54 -9.47 10.46
N ALA A 68 -24.61 -8.18 10.78
CA ALA A 68 -24.11 -7.13 9.90
C ALA A 68 -22.76 -6.67 10.45
N SER A 69 -22.10 -5.74 9.75
CA SER A 69 -20.81 -5.24 10.21
C SER A 69 -20.92 -4.74 11.65
N ALA A 70 -19.96 -5.14 12.49
CA ALA A 70 -19.96 -4.79 13.91
C ALA A 70 -20.02 -3.28 14.19
N SER A 71 -20.55 -2.94 15.37
CA SER A 71 -20.67 -1.55 15.78
C SER A 71 -19.29 -0.94 16.01
N ARG A 72 -19.12 0.29 15.57
CA ARG A 72 -17.84 1.00 15.70
C ARG A 72 -17.72 1.73 17.04
N PHE A 73 -16.56 1.56 17.67
CA PHE A 73 -16.24 2.18 18.96
C PHE A 73 -14.91 2.91 18.88
N ARG A 74 -14.71 3.87 19.78
CA ARG A 74 -13.45 4.61 19.86
C ARG A 74 -13.18 4.92 21.33
N ALA A 75 -11.90 4.95 21.69
CA ALA A 75 -11.52 5.23 23.07
C ALA A 75 -10.34 6.19 23.09
N PHE A 76 -10.37 7.15 23.99
CA PHE A 76 -9.30 8.13 24.10
C PHE A 76 -8.63 8.12 25.47
N ARG A 77 -7.31 8.24 25.48
CA ARG A 77 -6.53 8.28 26.72
C ARG A 77 -5.44 9.34 26.68
N ALA A 78 -5.51 10.29 27.61
CA ALA A 78 -4.51 11.37 27.69
C ALA A 78 -3.16 10.81 28.09
N TRP A 79 -2.08 11.39 27.54
CA TRP A 79 -0.71 10.92 27.81
C TRP A 79 -0.32 10.84 29.29
N SER A 80 -0.97 11.63 30.13
CA SER A 80 -0.64 11.65 31.56
C SER A 80 -0.92 10.33 32.27
N LEU A 81 -1.98 9.64 31.85
CA LEU A 81 -2.41 8.39 32.48
C LEU A 81 -1.80 7.13 31.87
N THR A 82 -0.96 7.29 30.84
CA THR A 82 -0.38 6.16 30.11
C THR A 82 1.08 5.83 30.44
N GLY A 83 1.87 6.84 30.78
CA GLY A 83 3.29 6.63 31.05
C GLY A 83 4.06 6.42 29.76
N LEU A 84 3.55 6.97 28.66
CA LEU A 84 4.16 6.84 27.34
C LEU A 84 4.33 8.19 26.65
N SER A 85 4.36 9.27 27.44
CA SER A 85 4.52 10.63 26.90
C SER A 85 5.84 10.78 26.14
N TRP A 86 6.86 10.06 26.59
CA TRP A 86 8.18 10.09 25.97
C TRP A 86 8.14 9.75 24.48
N LEU A 87 7.14 8.98 24.04
CA LEU A 87 6.99 8.60 22.62
C LEU A 87 6.86 9.80 21.70
N LYS A 88 6.30 10.90 22.22
CA LYS A 88 6.10 12.12 21.44
C LYS A 88 7.42 12.75 21.01
N GLU A 89 8.50 12.41 21.71
CA GLU A 89 9.82 12.96 21.40
C GLU A 89 10.66 12.01 20.54
N GLU A 90 10.05 10.91 20.09
CA GLU A 90 10.72 9.94 19.22
C GLU A 90 10.39 10.28 17.77
N SER A 91 11.13 9.69 16.84
CA SER A 91 10.90 9.95 15.41
C SER A 91 9.51 9.47 14.99
N ALA A 92 8.99 10.05 13.92
CA ALA A 92 7.67 9.68 13.42
C ALA A 92 7.58 8.18 13.11
N ALA A 93 8.70 7.60 12.67
CA ALA A 93 8.74 6.19 12.34
C ALA A 93 8.72 5.34 13.61
N PHE A 94 9.38 5.84 14.66
CA PHE A 94 9.40 5.14 15.95
C PHE A 94 7.99 5.11 16.51
N GLN A 95 7.26 6.22 16.34
CA GLN A 95 5.89 6.32 16.81
C GLN A 95 4.97 5.46 15.95
N LEU A 96 5.34 5.28 14.69
CA LEU A 96 4.57 4.46 13.77
C LEU A 96 4.51 3.03 14.29
N GLY A 97 5.65 2.53 14.77
CA GLY A 97 5.74 1.18 15.31
C GLY A 97 5.01 1.07 16.64
N ALA A 98 5.16 2.10 17.48
CA ALA A 98 4.50 2.13 18.77
C ALA A 98 2.99 1.97 18.60
N ARG A 99 2.43 2.73 17.65
CA ARG A 99 1.00 2.66 17.35
C ARG A 99 0.61 1.28 16.85
N ASP A 100 1.48 0.68 16.05
CA ASP A 100 1.26 -0.66 15.52
C ASP A 100 1.32 -1.69 16.65
N PHE A 101 2.34 -1.57 17.50
CA PHE A 101 2.53 -2.48 18.61
C PHE A 101 1.34 -2.43 19.58
N ILE A 102 0.83 -1.24 19.82
CA ILE A 102 -0.33 -1.04 20.71
C ILE A 102 -1.58 -1.73 20.15
N ALA A 103 -1.76 -1.66 18.84
CA ALA A 103 -2.91 -2.30 18.19
C ALA A 103 -2.83 -3.81 18.33
N ARG A 104 -1.62 -4.36 18.14
CA ARG A 104 -1.40 -5.80 18.25
C ARG A 104 -1.54 -6.28 19.68
N SER A 105 -1.11 -5.44 20.63
CA SER A 105 -1.23 -5.78 22.06
C SER A 105 -2.70 -5.81 22.44
N PHE A 106 -3.46 -4.83 21.95
CA PHE A 106 -4.88 -4.75 22.22
C PHE A 106 -5.61 -5.96 21.64
N ALA A 107 -5.18 -6.40 20.46
CA ALA A 107 -5.78 -7.56 19.81
C ALA A 107 -5.48 -8.84 20.60
N GLU A 108 -4.26 -8.91 21.13
CA GLU A 108 -3.82 -10.06 21.91
C GLU A 108 -4.59 -10.18 23.23
N PHE A 109 -4.73 -9.07 23.95
CA PHE A 109 -5.47 -9.10 25.22
C PHE A 109 -6.95 -9.37 24.98
N ALA A 110 -7.43 -9.04 23.78
CA ALA A 110 -8.84 -9.23 23.44
C ALA A 110 -9.17 -10.51 22.66
N LYS A 111 -8.27 -11.50 22.69
CA LYS A 111 -8.53 -12.77 22.01
C LYS A 111 -9.66 -13.54 22.67
N GLN A 112 -9.66 -13.55 24.00
CA GLN A 112 -10.70 -14.26 24.77
C GLN A 112 -12.07 -13.60 24.64
N GLU A 113 -12.13 -12.43 24.02
CA GLU A 113 -13.40 -11.75 23.83
C GLU A 113 -13.52 -11.44 22.33
N ASN A 114 -14.01 -12.42 21.58
CA ASN A 114 -14.15 -12.29 20.12
C ASN A 114 -15.15 -11.23 19.65
N ALA A 115 -16.00 -10.74 20.55
CA ALA A 115 -16.96 -9.69 20.20
C ALA A 115 -16.20 -8.40 19.88
N ILE A 116 -14.99 -8.28 20.43
CA ILE A 116 -14.15 -7.12 20.21
C ILE A 116 -13.17 -7.44 19.08
N ALA A 117 -12.93 -6.47 18.21
CA ALA A 117 -12.02 -6.65 17.10
C ALA A 117 -11.38 -5.33 16.68
N ILE A 118 -10.08 -5.37 16.42
CA ILE A 118 -9.32 -4.20 15.98
C ILE A 118 -8.64 -4.58 14.66
N SER A 119 -8.51 -3.61 13.76
CA SER A 119 -7.94 -3.87 12.44
C SER A 119 -6.40 -3.99 12.45
N LEU A 120 -5.90 -5.19 12.18
CA LEU A 120 -4.46 -5.46 12.11
C LEU A 120 -4.07 -5.57 10.65
N HIS A 121 -2.77 -5.46 10.36
CA HIS A 121 -2.28 -5.46 8.99
C HIS A 121 -1.26 -6.54 8.68
N GLY A 122 -1.45 -7.71 9.28
CA GLY A 122 -0.57 -8.86 9.05
C GLY A 122 0.91 -8.61 9.28
N GLN A 123 1.71 -8.85 8.24
CA GLN A 123 3.16 -8.72 8.32
C GLN A 123 3.70 -7.30 8.15
N THR A 124 2.82 -6.35 7.85
CA THR A 124 3.27 -4.97 7.63
C THR A 124 2.91 -4.02 8.77
N VAL A 125 3.59 -2.88 8.78
CA VAL A 125 3.37 -1.83 9.76
C VAL A 125 2.92 -0.61 8.95
N LEU A 126 1.63 -0.30 9.01
CA LEU A 126 1.07 0.80 8.24
C LEU A 126 0.64 1.96 9.12
N ASP A 127 0.50 3.12 8.49
CA ASP A 127 0.04 4.32 9.17
C ASP A 127 -1.47 4.15 9.21
N SER A 128 -1.96 3.53 10.28
CA SER A 128 -3.37 3.18 10.44
C SER A 128 -4.16 4.03 11.43
N THR A 129 -5.48 3.98 11.30
CA THR A 129 -6.39 4.70 12.20
C THR A 129 -6.84 3.85 13.38
N SER A 130 -6.42 2.59 13.41
CA SER A 130 -6.77 1.71 14.52
C SER A 130 -6.17 2.25 15.83
N VAL A 131 -4.99 2.89 15.70
CA VAL A 131 -4.33 3.52 16.84
C VAL A 131 -3.69 4.83 16.35
N LEU A 132 -4.14 5.94 16.91
CA LEU A 132 -3.65 7.27 16.52
C LEU A 132 -3.07 8.05 17.69
N PHE A 133 -2.03 8.84 17.43
CA PHE A 133 -1.45 9.73 18.43
C PHE A 133 -1.79 11.16 18.09
N THR A 134 -1.93 11.98 19.14
CA THR A 134 -2.21 13.40 19.00
C THR A 134 -1.40 14.08 20.09
N GLU A 135 -1.59 15.38 20.27
CA GLU A 135 -0.89 16.09 21.33
C GLU A 135 -1.57 15.80 22.67
N GLU A 136 -2.88 15.57 22.61
CA GLU A 136 -3.67 15.30 23.82
C GLU A 136 -3.45 13.89 24.35
N GLY A 137 -3.50 12.90 23.45
CA GLY A 137 -3.32 11.52 23.88
C GLY A 137 -3.42 10.45 22.80
N ILE A 138 -3.58 9.22 23.26
CA ILE A 138 -3.67 8.06 22.37
C ILE A 138 -5.14 7.75 22.08
N GLU A 139 -5.45 7.49 20.80
CA GLU A 139 -6.81 7.14 20.42
C GLU A 139 -6.87 5.75 19.80
N LEU A 140 -7.82 4.96 20.27
CA LEU A 140 -8.03 3.60 19.77
C LEU A 140 -9.35 3.54 19.03
N ARG A 141 -9.35 2.85 17.90
CA ARG A 141 -10.55 2.67 17.11
C ARG A 141 -10.71 1.20 16.83
N PHE A 142 -11.90 0.67 17.08
CA PHE A 142 -12.18 -0.75 16.92
C PHE A 142 -13.67 -1.02 16.82
N ARG A 143 -14.02 -2.29 16.63
CA ARG A 143 -15.42 -2.70 16.52
C ARG A 143 -15.84 -3.57 17.69
N VAL A 144 -17.14 -3.60 17.95
CA VAL A 144 -17.72 -4.41 19.03
C VAL A 144 -19.03 -5.03 18.53
N ASN A 145 -19.02 -6.34 18.31
CA ASN A 145 -20.20 -7.05 17.84
C ASN A 145 -21.19 -7.21 19.01
N LEU A 146 -22.21 -6.35 19.04
CA LEU A 146 -23.21 -6.37 20.11
C LEU A 146 -24.04 -7.67 20.07
N PRO A 147 -24.14 -8.37 21.22
CA PRO A 147 -24.85 -9.64 21.32
C PRO A 147 -26.36 -9.56 21.49
N ALA A 148 -27.01 -10.70 21.28
CA ALA A 148 -28.45 -10.81 21.39
C ALA A 148 -28.86 -12.27 21.23
N GLU A 149 -30.06 -12.62 21.69
CA GLU A 149 -30.57 -13.99 21.58
C GLU A 149 -31.40 -14.11 20.30
N GLY A 150 -30.72 -13.95 19.16
CA GLY A 150 -31.38 -13.98 17.86
C GLY A 150 -31.65 -12.56 17.44
N ARG A 151 -32.42 -11.85 18.28
CA ARG A 151 -32.75 -10.45 18.02
C ARG A 151 -32.97 -9.68 19.32
N ASP A 152 -33.42 -10.36 20.37
CA ASP A 152 -33.63 -9.71 21.66
C ASP A 152 -32.29 -9.41 22.32
N ILE A 153 -32.16 -8.20 22.83
CA ILE A 153 -30.91 -7.74 23.45
C ILE A 153 -30.53 -8.43 24.75
N LEU A 154 -29.27 -8.88 24.83
CA LEU A 154 -28.71 -9.49 26.02
C LEU A 154 -27.87 -8.42 26.69
N ALA A 155 -28.51 -7.63 27.55
CA ALA A 155 -27.85 -6.53 28.24
C ALA A 155 -26.73 -7.01 29.15
N LYS A 156 -26.99 -8.06 29.92
CA LYS A 156 -25.98 -8.60 30.85
C LYS A 156 -24.68 -8.97 30.13
N LYS A 157 -24.81 -9.53 28.93
CA LYS A 157 -23.63 -9.91 28.16
C LYS A 157 -22.97 -8.63 27.66
N ALA A 158 -23.78 -7.72 27.12
CA ALA A 158 -23.30 -6.44 26.62
C ALA A 158 -22.54 -5.66 27.70
N ILE A 159 -23.07 -5.70 28.92
CA ILE A 159 -22.44 -5.04 30.06
C ILE A 159 -21.07 -5.66 30.31
N ASN A 160 -21.02 -7.00 30.33
CA ASN A 160 -19.77 -7.73 30.56
C ASN A 160 -18.70 -7.35 29.54
N ILE A 161 -19.10 -7.21 28.28
CA ILE A 161 -18.17 -6.85 27.20
C ILE A 161 -17.69 -5.40 27.28
N ILE A 162 -18.66 -4.48 27.34
CA ILE A 162 -18.36 -3.05 27.31
C ILE A 162 -17.87 -2.43 28.62
N THR A 163 -18.42 -2.86 29.76
CA THR A 163 -18.08 -2.27 31.06
C THR A 163 -17.11 -3.05 31.92
N PHE A 164 -16.84 -4.31 31.56
CA PHE A 164 -15.92 -5.14 32.36
C PHE A 164 -14.66 -5.52 31.57
N HIS A 165 -14.84 -6.15 30.41
CA HIS A 165 -13.69 -6.58 29.59
C HIS A 165 -13.06 -5.46 28.79
N LEU A 166 -13.86 -4.75 28.00
CA LEU A 166 -13.34 -3.69 27.13
C LEU A 166 -12.46 -2.68 27.87
N PRO A 167 -12.94 -2.14 29.01
CA PRO A 167 -12.12 -1.17 29.72
C PRO A 167 -10.74 -1.70 30.11
N LYS A 168 -10.65 -3.01 30.34
CA LYS A 168 -9.37 -3.61 30.71
C LYS A 168 -8.40 -3.68 29.54
N PHE A 169 -8.91 -4.00 28.34
CA PHE A 169 -8.04 -4.07 27.17
C PHE A 169 -7.56 -2.67 26.77
N ILE A 170 -8.45 -1.68 26.90
CA ILE A 170 -8.13 -0.29 26.58
C ILE A 170 -7.03 0.22 27.51
N ARG A 171 -7.06 -0.19 28.77
CA ARG A 171 -6.06 0.22 29.74
C ARG A 171 -4.74 -0.51 29.54
N ARG A 172 -4.79 -1.84 29.62
CA ARG A 172 -3.58 -2.65 29.47
C ARG A 172 -2.77 -2.36 28.21
N SER A 173 -3.47 -2.10 27.10
CA SER A 173 -2.79 -1.82 25.84
C SER A 173 -2.14 -0.43 25.81
N THR A 174 -2.54 0.44 26.73
CA THR A 174 -2.00 1.80 26.78
C THR A 174 -1.41 2.20 28.13
N ILE A 175 -0.64 1.29 28.72
CA ILE A 175 0.05 1.53 30.00
C ILE A 175 1.43 0.89 29.91
N GLU A 176 2.47 1.73 29.93
CA GLU A 176 3.86 1.30 29.81
C GLU A 176 4.14 -0.08 30.45
N ARG A 177 3.95 -0.19 31.75
CA ARG A 177 4.22 -1.44 32.47
C ARG A 177 3.34 -2.63 32.02
N GLU A 178 2.10 -2.36 31.64
CA GLU A 178 1.18 -3.42 31.19
C GLU A 178 1.62 -4.05 29.87
N LEU A 179 2.40 -3.31 29.09
CA LEU A 179 2.93 -3.81 27.83
C LEU A 179 4.30 -4.43 28.05
N ASP A 180 4.77 -5.19 27.07
CA ASP A 180 6.09 -5.82 27.14
C ASP A 180 7.09 -4.81 26.54
N LYS A 181 7.71 -4.01 27.40
CA LYS A 181 8.66 -2.98 26.94
C LYS A 181 9.81 -3.50 26.08
N GLU A 182 10.44 -4.58 26.51
CA GLU A 182 11.56 -5.15 25.77
C GLU A 182 11.11 -5.49 24.35
N ALA A 183 9.85 -5.86 24.21
CA ALA A 183 9.27 -6.18 22.89
C ALA A 183 8.81 -4.91 22.19
N LEU A 184 8.36 -3.92 22.97
CA LEU A 184 7.91 -2.64 22.42
C LEU A 184 9.06 -1.88 21.77
N LEU A 185 10.13 -1.69 22.52
CA LEU A 185 11.31 -0.98 22.02
C LEU A 185 11.82 -1.65 20.76
N THR A 186 12.01 -2.95 20.81
CA THR A 186 12.49 -3.72 19.66
C THR A 186 11.60 -3.49 18.44
N HIS A 187 10.29 -3.48 18.66
CA HIS A 187 9.33 -3.29 17.58
C HIS A 187 9.50 -1.90 16.95
N CYS A 188 9.52 -0.88 17.80
CA CYS A 188 9.68 0.51 17.36
C CYS A 188 11.05 0.77 16.72
N GLN A 189 12.07 0.08 17.20
CA GLN A 189 13.43 0.24 16.69
C GLN A 189 13.61 -0.31 15.28
N VAL A 190 13.00 -1.46 15.01
CA VAL A 190 13.10 -2.06 13.69
C VAL A 190 12.41 -1.17 12.66
N VAL A 191 11.28 -0.59 13.04
CA VAL A 191 10.54 0.29 12.14
C VAL A 191 11.33 1.59 11.92
N GLU A 192 11.91 2.10 13.00
CA GLU A 192 12.71 3.33 12.91
C GLU A 192 13.91 3.08 12.00
N ASP A 193 14.51 1.90 12.13
CA ASP A 193 15.65 1.52 11.28
C ASP A 193 15.22 1.45 9.82
N GLN A 194 14.05 0.87 9.57
CA GLN A 194 13.53 0.77 8.21
C GLN A 194 13.34 2.14 7.56
N GLU A 195 12.80 3.09 8.30
CA GLU A 195 12.61 4.43 7.77
C GLU A 195 13.97 5.07 7.51
N ALA A 196 14.87 4.95 8.47
CA ALA A 196 16.23 5.49 8.37
C ALA A 196 16.96 4.93 7.14
N LEU A 197 16.82 3.62 6.91
CA LEU A 197 17.44 2.97 5.76
C LEU A 197 16.81 3.43 4.45
N ARG A 198 15.49 3.66 4.49
CA ARG A 198 14.77 4.11 3.30
C ARG A 198 15.17 5.54 2.92
N GLU A 199 15.44 6.38 3.92
CA GLU A 199 15.81 7.78 3.68
C GLU A 199 17.20 7.95 3.05
N GLN A 200 18.11 7.01 3.32
CA GLN A 200 19.47 7.11 2.78
C GLN A 200 19.68 6.29 1.50
N LEU A 201 18.60 5.95 0.81
CA LEU A 201 18.69 5.24 -0.46
C LEU A 201 19.10 6.23 -1.53
N GLU A 202 18.44 7.38 -1.51
CA GLU A 202 18.71 8.44 -2.47
C GLU A 202 20.14 8.94 -2.40
N VAL A 203 20.64 9.15 -1.18
CA VAL A 203 22.00 9.66 -0.98
C VAL A 203 23.07 8.72 -1.55
N ASN A 204 22.85 7.42 -1.41
CA ASN A 204 23.80 6.42 -1.90
C ASN A 204 23.51 5.95 -3.33
N GLY A 205 22.68 6.71 -4.05
CA GLY A 205 22.32 6.37 -5.42
C GLY A 205 21.72 4.99 -5.57
N LEU A 206 20.83 4.65 -4.65
CA LEU A 206 20.18 3.33 -4.64
C LEU A 206 18.67 3.47 -4.71
N VAL A 207 18.01 2.45 -5.26
CA VAL A 207 16.54 2.43 -5.35
C VAL A 207 15.96 1.33 -4.45
N SER A 208 16.83 0.44 -3.96
CA SER A 208 16.40 -0.64 -3.08
C SER A 208 17.62 -1.24 -2.37
N PHE A 209 17.38 -1.85 -1.22
CA PHE A 209 18.44 -2.47 -0.42
C PHE A 209 17.97 -3.75 0.26
N VAL A 210 18.62 -4.87 -0.06
CA VAL A 210 18.30 -6.17 0.52
C VAL A 210 19.42 -6.59 1.46
N ALA A 211 19.18 -6.42 2.76
CA ALA A 211 20.17 -6.76 3.77
C ALA A 211 20.54 -8.24 3.76
N ASN A 212 21.80 -8.55 4.05
CA ASN A 212 22.26 -9.94 4.14
C ASN A 212 21.61 -10.59 5.36
N GLY A 213 21.14 -11.81 5.19
CA GLY A 213 20.48 -12.54 6.27
C GLY A 213 18.96 -12.48 6.15
N SER A 214 18.48 -11.84 5.09
CA SER A 214 17.04 -11.72 4.86
C SER A 214 16.47 -13.04 4.36
N ILE A 215 15.21 -13.27 4.67
CA ILE A 215 14.49 -14.45 4.21
C ILE A 215 13.41 -13.93 3.25
N LEU A 216 13.66 -14.13 1.96
CA LEU A 216 12.76 -13.64 0.91
C LEU A 216 11.52 -14.51 0.63
N PRO A 217 11.70 -15.83 0.43
CA PRO A 217 10.54 -16.67 0.10
C PRO A 217 9.52 -16.79 1.23
N ARG A 218 8.24 -16.88 0.85
CA ARG A 218 7.15 -17.00 1.82
C ARG A 218 6.83 -18.49 1.95
N VAL A 219 6.02 -18.86 2.93
CA VAL A 219 5.69 -20.29 3.12
C VAL A 219 5.01 -20.86 1.90
N ALA A 220 4.14 -20.06 1.27
CA ALA A 220 3.41 -20.49 0.09
C ALA A 220 2.90 -19.29 -0.69
N GLY A 221 2.27 -19.54 -1.83
CA GLY A 221 1.73 -18.48 -2.67
C GLY A 221 0.51 -17.77 -2.11
N ASN A 222 -0.18 -18.41 -1.16
CA ASN A 222 -1.37 -17.84 -0.53
C ASN A 222 -1.12 -17.38 0.91
N CYS A 223 0.15 -17.22 1.27
CA CYS A 223 0.50 -16.83 2.63
C CYS A 223 1.68 -15.84 2.59
N ASP A 224 1.61 -14.78 3.39
CA ASP A 224 2.64 -13.76 3.40
C ASP A 224 3.70 -13.96 4.49
N LEU A 225 3.60 -15.04 5.26
CA LEU A 225 4.58 -15.34 6.31
C LEU A 225 5.83 -15.93 5.68
N PRO A 226 6.99 -15.82 6.37
CA PRO A 226 8.25 -16.32 5.81
C PRO A 226 8.44 -17.82 5.88
N LYS A 228 10.34 -21.12 6.67
CA LYS A 228 11.33 -21.51 7.65
C LYS A 228 12.26 -22.51 6.96
N ASP A 229 13.54 -22.48 7.31
CA ASP A 229 14.54 -23.34 6.69
C ASP A 229 14.69 -23.00 5.22
N ALA A 230 15.03 -21.74 4.97
CA ALA A 230 15.24 -21.24 3.61
C ALA A 230 16.68 -20.78 3.47
N VAL A 231 17.14 -20.64 2.24
CA VAL A 231 18.51 -20.19 1.97
C VAL A 231 18.55 -18.68 2.19
N GLU A 232 19.21 -18.24 3.25
CA GLU A 232 19.29 -16.81 3.55
C GLU A 232 19.98 -16.05 2.42
N PHE A 233 19.57 -14.81 2.22
CA PHE A 233 20.12 -13.98 1.16
C PHE A 233 21.51 -13.43 1.48
N THR A 234 22.36 -13.44 0.46
CA THR A 234 23.71 -12.89 0.57
C THR A 234 24.00 -12.15 -0.72
N ALA A 235 24.57 -10.95 -0.60
CA ALA A 235 24.89 -10.15 -1.76
C ALA A 235 26.30 -10.42 -2.27
N PRO A 236 26.51 -10.28 -3.58
CA PRO A 236 27.85 -10.45 -4.12
C PRO A 236 28.65 -9.19 -3.82
N GLU A 237 29.86 -9.36 -3.28
CA GLU A 237 30.71 -8.21 -2.92
C GLU A 237 30.75 -7.13 -4.00
N SER A 238 30.79 -7.56 -5.25
CA SER A 238 30.85 -6.65 -6.38
C SER A 238 29.71 -5.61 -6.37
N LEU A 239 28.59 -5.99 -5.78
CA LEU A 239 27.41 -5.12 -5.75
C LEU A 239 26.91 -4.95 -4.30
N GLN A 240 27.83 -5.05 -3.35
CA GLN A 240 27.53 -4.93 -1.92
C GLN A 240 27.66 -3.49 -1.41
N VAL A 241 26.74 -3.12 -0.51
CA VAL A 241 26.77 -1.80 0.12
C VAL A 241 26.44 -1.98 1.59
N THR A 242 26.83 -1.00 2.41
CA THR A 242 26.60 -1.06 3.84
C THR A 242 25.93 0.20 4.34
N LEU A 243 24.69 0.07 4.81
CA LEU A 243 23.94 1.21 5.32
C LEU A 243 24.03 1.25 6.84
N HIS A 244 23.49 2.31 7.44
CA HIS A 244 23.56 2.47 8.89
C HIS A 244 22.20 2.78 9.50
N ALA A 245 21.79 1.98 10.47
CA ALA A 245 20.53 2.19 11.17
C ALA A 245 20.85 2.70 12.58
N PRO A 246 20.01 3.59 13.12
CA PRO A 246 20.26 4.15 14.45
C PRO A 246 20.25 3.16 15.60
N ASN A 247 19.54 2.05 15.45
CA ASN A 247 19.44 1.05 16.51
C ASN A 247 20.30 -0.18 16.26
N ARG A 248 20.15 -0.80 15.10
CA ARG A 248 20.93 -2.00 14.77
C ARG A 248 22.38 -1.66 14.44
N GLY A 249 22.63 -0.46 13.92
CA GLY A 249 23.96 -0.03 13.56
C GLY A 249 24.22 -0.29 12.09
N TYR A 250 25.45 -0.74 11.77
CA TYR A 250 25.81 -1.03 10.39
C TYR A 250 25.18 -2.32 9.88
N VAL A 251 24.58 -2.26 8.69
CA VAL A 251 23.95 -3.43 8.06
C VAL A 251 24.44 -3.57 6.63
N THR A 252 25.04 -4.72 6.32
CA THR A 252 25.56 -4.99 4.99
C THR A 252 24.55 -5.80 4.17
N GLY A 253 24.42 -5.47 2.90
CA GLY A 253 23.49 -6.16 2.01
C GLY A 253 23.61 -5.76 0.56
N LEU A 254 22.68 -6.25 -0.27
CA LEU A 254 22.66 -5.93 -1.68
C LEU A 254 22.13 -4.52 -1.92
N GLY A 255 22.92 -3.72 -2.62
CA GLY A 255 22.54 -2.37 -2.95
C GLY A 255 22.22 -2.30 -4.43
N ILE A 256 20.95 -2.07 -4.76
CA ILE A 256 20.52 -1.97 -6.14
C ILE A 256 20.59 -0.51 -6.55
N PRO A 257 21.62 -0.14 -7.34
CA PRO A 257 21.77 1.26 -7.73
C PRO A 257 20.71 1.75 -8.70
N LYS A 258 20.67 3.07 -8.90
CA LYS A 258 19.72 3.67 -9.83
C LYS A 258 19.99 3.19 -11.24
N GLY A 259 19.04 3.45 -12.13
CA GLY A 259 19.15 3.03 -13.52
C GLY A 259 18.44 1.72 -13.76
N ILE A 260 18.84 1.03 -14.81
CA ILE A 260 18.23 -0.24 -15.19
C ILE A 260 18.96 -1.41 -14.56
N THR A 261 18.22 -2.29 -13.89
CA THR A 261 18.78 -3.47 -13.24
C THR A 261 18.01 -4.71 -13.68
N LEU A 262 18.72 -5.70 -14.20
CA LEU A 262 18.10 -6.94 -14.65
C LEU A 262 18.31 -8.05 -13.65
N ILE A 263 17.30 -8.90 -13.52
CA ILE A 263 17.35 -10.07 -12.65
C ILE A 263 17.12 -11.28 -13.55
N VAL A 264 18.22 -11.95 -13.90
CA VAL A 264 18.16 -13.10 -14.80
C VAL A 264 18.39 -14.43 -14.09
N GLY A 265 18.41 -15.50 -14.89
CA GLY A 265 18.62 -16.85 -14.36
C GLY A 265 17.60 -17.81 -14.93
N GLY A 266 17.87 -19.10 -14.80
CA GLY A 266 16.97 -20.14 -15.28
C GLY A 266 15.69 -20.16 -14.47
N GLY A 267 14.77 -21.05 -14.86
CA GLY A 267 13.49 -21.17 -14.17
C GLY A 267 13.55 -21.83 -12.81
N PHE A 268 12.76 -21.29 -11.89
CA PHE A 268 12.64 -21.81 -10.52
C PHE A 268 13.91 -21.58 -9.68
N HIS A 269 14.58 -20.45 -9.91
CA HIS A 269 15.80 -20.11 -9.18
C HIS A 269 15.63 -18.98 -8.15
N GLY A 270 14.48 -18.30 -8.16
CA GLY A 270 14.22 -17.24 -7.17
C GLY A 270 14.19 -15.80 -7.67
N LYS A 271 13.90 -15.60 -8.95
CA LYS A 271 13.86 -14.25 -9.52
C LYS A 271 12.63 -13.48 -9.04
N SER A 272 11.45 -14.09 -9.14
CA SER A 272 10.21 -13.45 -8.69
C SER A 272 10.24 -13.22 -7.19
N THR A 273 10.75 -14.20 -6.45
CA THR A 273 10.83 -14.09 -5.00
C THR A 273 11.63 -12.86 -4.58
N LEU A 274 12.72 -12.60 -5.31
CA LEU A 274 13.54 -11.43 -5.02
C LEU A 274 12.76 -10.16 -5.37
N LEU A 275 12.16 -10.13 -6.56
CA LEU A 275 11.39 -8.98 -7.01
C LEU A 275 10.18 -8.75 -6.10
N ASN A 276 9.53 -9.83 -5.70
CA ASN A 276 8.38 -9.73 -4.81
C ASN A 276 8.73 -9.07 -3.49
N ALA A 277 9.90 -9.40 -2.96
CA ALA A 277 10.36 -8.81 -1.71
C ALA A 277 10.63 -7.33 -1.90
N ILE A 278 11.17 -6.98 -3.06
CA ILE A 278 11.46 -5.59 -3.38
C ILE A 278 10.17 -4.79 -3.53
N GLU A 279 9.21 -5.31 -4.32
CA GLU A 279 7.95 -4.60 -4.55
C GLU A 279 7.20 -4.37 -3.25
N ARG A 280 7.31 -5.32 -2.32
CA ARG A 280 6.62 -5.20 -1.03
C ARG A 280 7.40 -4.40 0.01
N SER A 281 8.68 -4.21 -0.24
CA SER A 281 9.51 -3.42 0.68
C SER A 281 9.17 -1.92 0.64
N ILE A 282 8.15 -1.55 -0.14
CA ILE A 282 7.68 -0.17 -0.15
C ILE A 282 7.02 0.10 1.19
N TYR A 283 6.65 -0.98 1.88
CA TYR A 283 6.07 -0.91 3.21
C TYR A 283 7.07 -1.44 4.21
N ASN A 284 6.88 -1.10 5.48
CA ASN A 284 7.72 -1.58 6.55
C ASN A 284 7.14 -2.90 7.05
N HIS A 285 8.01 -3.84 7.44
CA HIS A 285 7.55 -5.13 7.94
C HIS A 285 7.94 -5.35 9.40
N ILE A 286 7.20 -6.24 10.07
CA ILE A 286 7.42 -6.54 11.48
C ILE A 286 8.68 -7.37 11.68
N PRO A 287 9.20 -7.40 12.92
CA PRO A 287 10.40 -8.20 13.19
C PRO A 287 10.14 -9.68 12.97
N GLY A 288 11.18 -10.40 12.55
CA GLY A 288 11.09 -11.84 12.30
C GLY A 288 10.41 -12.19 10.98
N ASP A 289 9.88 -11.17 10.30
CA ASP A 289 9.19 -11.37 9.02
C ASP A 289 10.13 -11.85 7.93
N GLY A 290 11.39 -11.49 8.03
CA GLY A 290 12.40 -11.86 7.04
C GLY A 290 12.70 -10.74 6.07
N ARG A 291 11.81 -9.76 5.99
CA ARG A 291 11.98 -8.62 5.08
C ARG A 291 12.10 -7.28 5.82
N GLU A 292 12.06 -7.30 7.15
CA GLU A 292 12.11 -6.05 7.93
C GLU A 292 13.39 -5.21 7.76
N TYR A 293 14.37 -5.74 7.03
CA TYR A 293 15.58 -4.96 6.76
C TYR A 293 15.81 -4.81 5.26
N ILE A 294 14.69 -4.78 4.52
CA ILE A 294 14.71 -4.58 3.09
C ILE A 294 13.90 -3.31 2.85
N VAL A 295 14.49 -2.36 2.13
CA VAL A 295 13.81 -1.10 1.81
C VAL A 295 13.85 -0.83 0.31
N THR A 296 12.84 -0.14 -0.19
CA THR A 296 12.75 0.19 -1.60
C THR A 296 12.09 1.55 -1.77
N ASP A 297 12.41 2.21 -2.88
CA ASP A 297 11.83 3.49 -3.21
C ASP A 297 10.32 3.42 -2.94
N GLY A 298 9.81 4.32 -2.11
CA GLY A 298 8.41 4.34 -1.73
C GLY A 298 7.41 4.46 -2.88
N SER A 299 7.84 5.08 -3.99
CA SER A 299 6.98 5.28 -5.15
C SER A 299 7.07 4.17 -6.20
N ALA A 300 7.89 3.15 -5.96
CA ALA A 300 8.06 2.05 -6.92
C ALA A 300 6.73 1.40 -7.28
N LYS A 302 4.86 -1.57 -9.65
CA LYS A 302 5.00 -2.75 -10.49
C LYS A 302 3.91 -2.71 -11.53
N ILE A 303 4.31 -2.77 -12.79
CA ILE A 303 3.36 -2.74 -13.89
C ILE A 303 3.33 -4.10 -14.57
N ARG A 304 2.15 -4.49 -15.01
CA ARG A 304 1.93 -5.75 -15.69
C ARG A 304 0.84 -5.53 -16.72
N ALA A 305 0.46 -6.60 -17.40
CA ALA A 305 -0.59 -6.51 -18.41
C ALA A 305 -1.96 -6.68 -17.77
N GLU A 306 -2.90 -5.81 -18.15
CA GLU A 306 -4.28 -5.88 -17.70
C GLU A 306 -5.18 -6.11 -18.88
N GLU A 307 -6.21 -6.91 -18.68
CA GLU A 307 -7.16 -7.21 -19.70
C GLU A 307 -8.48 -6.57 -19.30
N GLY A 308 -9.09 -5.83 -20.22
CA GLY A 308 -10.39 -5.22 -19.96
C GLY A 308 -10.47 -3.92 -19.20
N ARG A 309 -9.33 -3.39 -18.73
CA ARG A 309 -9.35 -2.13 -17.98
C ARG A 309 -9.72 -0.94 -18.86
N CYS A 310 -10.16 0.13 -18.22
CA CYS A 310 -10.50 1.36 -18.92
C CYS A 310 -9.30 2.30 -18.83
N VAL A 311 -9.18 3.21 -19.80
CA VAL A 311 -8.10 4.18 -19.85
C VAL A 311 -8.72 5.51 -20.25
N HIS A 312 -8.37 6.58 -19.53
CA HIS A 312 -8.99 7.89 -19.79
C HIS A 312 -8.07 8.96 -20.38
N HIS A 313 -8.42 9.42 -21.58
CA HIS A 313 -7.72 10.50 -22.28
C HIS A 313 -6.23 10.60 -21.95
N LEU A 314 -5.54 9.47 -22.11
CA LEU A 314 -4.11 9.38 -21.82
C LEU A 314 -3.31 9.45 -23.12
N ASN A 315 -2.17 10.13 -23.06
CA ASN A 315 -1.29 10.28 -24.23
C ASN A 315 -0.28 9.15 -24.25
N LEU A 316 -0.36 8.29 -25.27
CA LEU A 316 0.54 7.17 -25.41
C LEU A 316 1.47 7.30 -26.62
N SER A 317 1.66 8.53 -27.09
CA SER A 317 2.51 8.80 -28.25
C SER A 317 3.91 8.21 -28.12
N ASN A 318 4.44 8.18 -26.91
CA ASN A 318 5.78 7.65 -26.68
C ASN A 318 5.91 6.14 -26.87
N TYR A 319 4.78 5.43 -26.90
CA TYR A 319 4.82 3.97 -27.06
C TYR A 319 3.99 3.51 -28.24
N ILE A 320 2.72 3.90 -28.28
CA ILE A 320 1.83 3.54 -29.39
C ILE A 320 1.89 4.63 -30.45
N ASN A 321 2.13 4.22 -31.69
CA ASN A 321 2.25 5.16 -32.80
C ASN A 321 0.99 5.25 -33.67
N HIS A 322 0.34 4.11 -33.92
CA HIS A 322 -0.86 4.05 -34.73
C HIS A 322 -1.96 3.22 -34.07
N LEU A 323 -3.21 3.59 -34.34
CA LEU A 323 -4.38 2.90 -33.83
C LEU A 323 -5.43 2.78 -34.93
N PRO A 324 -6.24 1.70 -34.89
CA PRO A 324 -7.28 1.54 -35.90
C PRO A 324 -8.40 2.55 -35.69
N GLY A 326 -8.85 5.28 -36.92
CA GLY A 326 -8.28 6.62 -36.83
C GLY A 326 -8.37 7.29 -35.47
N LYS A 327 -8.01 6.57 -34.41
CA LYS A 327 -8.05 7.13 -33.07
C LYS A 327 -6.74 7.85 -32.72
N ASP A 328 -6.85 8.84 -31.85
CA ASP A 328 -5.72 9.66 -31.45
C ASP A 328 -4.86 8.97 -30.40
N THR A 329 -3.59 8.76 -30.72
CA THR A 329 -2.64 8.13 -29.80
C THR A 329 -2.23 9.11 -28.70
N ALA A 330 -2.53 10.40 -28.90
CA ALA A 330 -2.21 11.43 -27.93
C ALA A 330 -3.37 11.68 -26.96
N ASP A 331 -4.52 11.07 -27.24
CA ASP A 331 -5.72 11.23 -26.41
C ASP A 331 -6.48 9.90 -26.42
N PHE A 332 -5.79 8.85 -25.99
CA PHE A 332 -6.35 7.50 -25.99
C PHE A 332 -7.35 7.26 -24.85
N THR A 333 -8.53 6.75 -25.21
CA THR A 333 -9.61 6.47 -24.26
C THR A 333 -10.31 5.16 -24.66
N THR A 334 -10.64 4.34 -23.66
CA THR A 334 -11.32 3.06 -23.91
C THR A 334 -11.90 2.45 -22.63
N GLN A 335 -12.78 1.46 -22.79
CA GLN A 335 -13.41 0.75 -21.68
C GLN A 335 -13.04 -0.74 -21.68
N ASP A 336 -12.17 -1.14 -22.60
CA ASP A 336 -11.72 -2.53 -22.71
C ASP A 336 -10.34 -2.52 -23.38
N ALA A 337 -9.32 -2.23 -22.58
CA ALA A 337 -7.96 -2.12 -23.07
C ALA A 337 -7.23 -3.43 -23.34
N SER A 338 -6.41 -3.40 -24.39
CA SER A 338 -5.59 -4.52 -24.82
C SER A 338 -4.46 -4.81 -23.82
N GLY A 339 -3.62 -5.79 -24.13
CA GLY A 339 -2.50 -6.16 -23.27
C GLY A 339 -1.39 -5.13 -23.31
N SER A 340 -0.78 -4.99 -24.48
CA SER A 340 0.30 -4.02 -24.68
C SER A 340 -0.20 -2.59 -24.46
N THR A 341 -1.47 -2.36 -24.77
CA THR A 341 -2.07 -1.04 -24.62
C THR A 341 -2.22 -0.70 -23.15
N SER A 342 -2.72 -1.66 -22.37
CA SER A 342 -2.94 -1.45 -20.94
C SER A 342 -1.62 -1.27 -20.20
N GLN A 343 -0.60 -2.00 -20.60
CA GLN A 343 0.67 -1.90 -19.92
C GLN A 343 1.34 -0.57 -20.28
N ALA A 344 1.22 -0.16 -21.54
CA ALA A 344 1.77 1.12 -21.99
C ALA A 344 1.08 2.26 -21.23
N ALA A 345 -0.23 2.15 -21.10
CA ALA A 345 -1.02 3.14 -20.38
C ALA A 345 -0.56 3.19 -18.94
N TRP A 346 -0.45 2.02 -18.30
CA TRP A 346 -0.02 1.93 -16.90
C TRP A 346 1.33 2.63 -16.76
N LEU A 347 2.23 2.35 -17.69
CA LEU A 347 3.56 2.93 -17.67
C LEU A 347 3.48 4.46 -17.65
N GLN A 348 2.78 5.01 -18.64
CA GLN A 348 2.64 6.47 -18.74
C GLN A 348 2.00 7.06 -17.48
N GLU A 349 0.98 6.37 -16.97
CA GLU A 349 0.27 6.82 -15.77
C GLU A 349 1.21 6.91 -14.56
N SER A 350 2.17 5.98 -14.49
CA SER A 350 3.13 5.96 -13.39
C SER A 350 4.10 7.15 -13.48
N VAL A 351 4.51 7.47 -14.70
CA VAL A 351 5.39 8.62 -14.90
C VAL A 351 4.64 9.88 -14.49
N GLU A 352 3.39 9.98 -14.95
CA GLU A 352 2.54 11.13 -14.63
C GLU A 352 2.47 11.36 -13.12
N ALA A 353 2.29 10.28 -12.37
CA ALA A 353 2.17 10.35 -10.91
C ALA A 353 3.50 10.56 -10.18
N GLY A 354 4.61 10.56 -10.90
CA GLY A 354 5.92 10.79 -10.28
C GLY A 354 6.58 9.58 -9.67
N ALA A 355 6.46 8.43 -10.32
CA ALA A 355 7.10 7.20 -9.84
C ALA A 355 8.57 7.25 -10.23
N SER A 356 9.44 6.93 -9.29
CA SER A 356 10.90 6.95 -9.53
C SER A 356 11.43 5.58 -9.93
N THR A 357 10.64 4.54 -9.66
CA THR A 357 11.07 3.19 -9.98
C THR A 357 9.92 2.37 -10.54
N LEU A 358 10.22 1.56 -11.55
CA LEU A 358 9.24 0.71 -12.19
C LEU A 358 9.69 -0.74 -12.08
N LEU A 359 8.79 -1.61 -11.63
CA LEU A 359 9.10 -3.01 -11.46
C LEU A 359 8.36 -3.80 -12.53
N ILE A 360 9.08 -4.68 -13.24
CA ILE A 360 8.47 -5.48 -14.31
C ILE A 360 8.92 -6.92 -14.24
N ASP A 361 7.99 -7.83 -14.51
CA ASP A 361 8.28 -9.26 -14.51
C ASP A 361 7.85 -9.82 -15.86
N GLU A 362 8.82 -10.27 -16.64
CA GLU A 362 8.60 -10.80 -17.98
C GLU A 362 7.54 -11.90 -18.03
N ASP A 363 7.37 -12.64 -16.93
CA ASP A 363 6.38 -13.70 -16.87
C ASP A 363 4.94 -13.19 -16.69
N THR A 364 4.77 -11.93 -16.32
CA THR A 364 3.44 -11.35 -16.17
C THR A 364 3.31 -10.07 -17.01
N SER A 365 3.90 -10.08 -18.20
CA SER A 365 3.86 -8.92 -19.09
C SER A 365 3.64 -9.31 -20.55
N ALA A 366 3.30 -8.30 -21.36
CA ALA A 366 3.07 -8.50 -22.78
C ALA A 366 4.39 -8.53 -23.52
N THR A 367 4.72 -9.68 -24.11
CA THR A 367 5.97 -9.85 -24.85
C THR A 367 6.11 -8.79 -25.95
N ASN A 368 5.00 -8.54 -26.66
CA ASN A 368 4.96 -7.54 -27.72
C ASN A 368 5.43 -6.17 -27.22
N PHE A 369 5.05 -5.85 -25.99
CA PHE A 369 5.40 -4.57 -25.37
C PHE A 369 6.85 -4.50 -24.89
N ILE A 371 9.77 -6.59 -26.08
CA ILE A 371 10.77 -6.69 -27.15
C ILE A 371 10.31 -6.30 -28.57
N ARG A 372 11.30 -6.14 -29.44
CA ARG A 372 11.11 -5.82 -30.84
C ARG A 372 11.32 -7.11 -31.60
N ASP A 373 10.83 -7.18 -32.84
CA ASP A 373 11.02 -8.38 -33.64
C ASP A 373 10.88 -8.09 -35.13
N GLU A 374 11.93 -8.38 -35.89
CA GLU A 374 11.94 -8.16 -37.33
C GLU A 374 10.98 -9.14 -38.03
N ARG A 375 10.84 -10.33 -37.45
CA ARG A 375 9.95 -11.37 -38.00
C ARG A 375 8.54 -10.84 -38.22
N GLN A 377 7.32 -7.76 -37.95
CA GLN A 377 7.26 -6.53 -38.73
C GLN A 377 7.38 -6.73 -40.24
N ALA A 378 7.72 -7.96 -40.66
CA ALA A 378 7.83 -8.27 -42.09
C ALA A 378 6.45 -8.49 -42.73
N LEU A 379 5.55 -9.13 -42.00
CA LEU A 379 4.19 -9.43 -42.51
C LEU A 379 3.10 -8.48 -42.00
N VAL A 380 3.43 -7.63 -41.03
CA VAL A 380 2.47 -6.66 -40.49
C VAL A 380 3.05 -5.27 -40.75
N ALA A 381 3.34 -4.98 -42.02
CA ALA A 381 3.93 -3.70 -42.41
C ALA A 381 3.12 -2.97 -43.48
N LYS A 382 1.83 -2.77 -43.22
CA LYS A 382 0.97 -2.06 -44.16
C LYS A 382 0.65 -0.67 -43.62
N GLY A 383 -0.57 -0.47 -43.10
CA GLY A 383 -0.97 0.83 -42.55
C GLY A 383 -0.92 0.83 -41.03
N ASP A 384 -0.24 -0.18 -40.46
CA ASP A 384 -0.11 -0.32 -39.02
C ASP A 384 1.35 -0.13 -38.63
N GLU A 385 1.70 1.09 -38.22
CA GLU A 385 3.07 1.39 -37.79
C GLU A 385 3.37 0.59 -36.52
N PRO A 386 4.56 -0.01 -36.45
CA PRO A 386 4.95 -0.85 -35.30
C PRO A 386 5.01 -0.10 -33.97
N ILE A 387 4.57 -0.77 -32.90
CA ILE A 387 4.61 -0.21 -31.56
C ILE A 387 6.05 -0.08 -31.10
N THR A 388 6.34 0.96 -30.33
CA THR A 388 7.69 1.20 -29.81
C THR A 388 7.85 0.43 -28.49
N PRO A 389 8.62 -0.68 -28.51
CA PRO A 389 8.78 -1.50 -27.31
C PRO A 389 9.59 -0.81 -26.22
N LEU A 390 9.32 -1.19 -24.97
CA LEU A 390 9.99 -0.60 -23.81
C LEU A 390 11.52 -0.56 -23.96
N VAL A 391 12.11 -1.63 -24.49
CA VAL A 391 13.56 -1.70 -24.67
C VAL A 391 14.13 -0.42 -25.31
N ASP A 392 13.37 0.21 -26.20
CA ASP A 392 13.81 1.44 -26.86
C ASP A 392 13.60 2.69 -25.99
N ARG A 393 12.60 2.64 -25.11
CA ARG A 393 12.28 3.79 -24.25
C ARG A 393 12.88 3.70 -22.85
N ILE A 394 13.01 2.48 -22.34
CA ILE A 394 13.53 2.28 -20.99
C ILE A 394 14.85 3.02 -20.74
N GLY A 395 15.71 3.06 -21.75
CA GLY A 395 16.99 3.75 -21.64
C GLY A 395 16.78 5.25 -21.48
N GLN A 396 15.80 5.78 -22.21
CA GLN A 396 15.48 7.20 -22.17
C GLN A 396 14.83 7.58 -20.83
N LEU A 397 14.04 6.68 -20.26
CA LEU A 397 13.40 6.93 -18.97
C LEU A 397 14.46 7.20 -17.90
N ARG A 398 15.58 6.51 -18.01
CA ARG A 398 16.69 6.65 -17.08
C ARG A 398 17.49 7.92 -17.30
N ASP A 399 17.93 8.11 -18.54
CA ASP A 399 18.77 9.25 -18.90
C ASP A 399 18.07 10.60 -18.89
N GLU A 400 16.78 10.61 -19.21
CA GLU A 400 16.01 11.86 -19.29
C GLU A 400 15.17 12.16 -18.06
N LEU A 401 14.49 11.15 -17.54
CA LEU A 401 13.60 11.32 -16.38
C LEU A 401 14.19 10.78 -15.08
N GLU A 402 15.37 10.18 -15.15
CA GLU A 402 16.02 9.60 -13.97
C GLU A 402 15.12 8.58 -13.26
N ILE A 403 14.39 7.80 -14.07
CA ILE A 403 13.50 6.76 -13.54
C ILE A 403 14.19 5.40 -13.66
N SER A 404 14.38 4.74 -12.51
CA SER A 404 15.02 3.42 -12.49
C SER A 404 14.02 2.31 -12.80
N THR A 405 14.54 1.17 -13.25
CA THR A 405 13.69 0.04 -13.60
C THR A 405 14.39 -1.27 -13.26
N ILE A 406 13.65 -2.17 -12.60
CA ILE A 406 14.17 -3.48 -12.23
C ILE A 406 13.29 -4.49 -12.96
N ILE A 407 13.91 -5.38 -13.74
CA ILE A 407 13.17 -6.34 -14.55
C ILE A 407 13.62 -7.79 -14.40
N VAL A 408 12.67 -8.68 -14.12
CA VAL A 408 12.94 -10.10 -14.04
C VAL A 408 12.76 -10.61 -15.46
N GLY A 410 14.99 -13.63 -18.11
CA GLY A 410 15.20 -15.05 -18.33
C GLY A 410 14.64 -15.53 -19.66
N GLY A 411 14.12 -14.61 -20.47
CA GLY A 411 13.55 -14.93 -21.78
C GLY A 411 14.26 -14.20 -22.90
N SER A 412 14.03 -12.89 -22.97
CA SER A 412 14.66 -12.04 -24.00
C SER A 412 16.09 -11.67 -23.60
N GLY A 413 16.87 -11.16 -24.54
CA GLY A 413 18.25 -10.81 -24.26
C GLY A 413 18.73 -9.47 -24.81
N ASP A 414 17.86 -8.78 -25.55
CA ASP A 414 18.25 -7.48 -26.13
C ASP A 414 18.30 -6.36 -25.07
N TYR A 415 17.76 -6.63 -23.88
CA TYR A 415 17.82 -5.67 -22.78
C TYR A 415 19.21 -5.60 -22.16
N LEU A 416 19.97 -6.68 -22.28
CA LEU A 416 21.32 -6.75 -21.71
C LEU A 416 22.23 -5.61 -22.17
N ASP A 417 21.93 -5.07 -23.34
CA ASP A 417 22.72 -3.99 -23.93
C ASP A 417 22.59 -2.68 -23.15
N VAL A 418 21.35 -2.29 -22.85
CA VAL A 418 21.09 -1.02 -22.14
C VAL A 418 21.13 -1.11 -20.61
N ALA A 419 21.21 -2.32 -20.06
CA ALA A 419 21.22 -2.48 -18.60
C ALA A 419 22.50 -1.99 -17.95
N ASP A 420 22.38 -1.43 -16.75
CA ASP A 420 23.54 -0.95 -15.98
C ASP A 420 24.13 -2.12 -15.20
N ASN A 421 23.27 -2.84 -14.50
CA ASN A 421 23.69 -4.00 -13.72
C ASN A 421 22.82 -5.22 -14.00
N VAL A 422 23.42 -6.41 -13.92
CA VAL A 422 22.70 -7.66 -14.17
C VAL A 422 22.96 -8.66 -13.04
N ILE A 423 21.88 -9.09 -12.39
CA ILE A 423 21.96 -10.04 -11.28
C ILE A 423 21.43 -11.40 -11.72
N GLN A 424 22.16 -12.46 -11.38
CA GLN A 424 21.75 -13.81 -11.73
C GLN A 424 21.39 -14.60 -10.49
N HIS A 426 20.78 -18.17 -8.79
CA HIS A 426 21.21 -19.54 -8.97
C HIS A 426 21.17 -20.22 -7.61
N ASP A 427 20.41 -21.31 -7.50
CA ASP A 427 20.25 -22.01 -6.23
C ASP A 427 19.89 -21.04 -5.09
N TYR A 428 19.12 -20.02 -5.43
CA TYR A 428 18.63 -19.01 -4.49
C TYR A 428 19.72 -18.13 -3.85
N GLN A 429 20.62 -17.63 -4.69
CA GLN A 429 21.69 -16.74 -4.24
C GLN A 429 21.99 -15.78 -5.39
N ALA A 430 22.25 -14.52 -5.05
CA ALA A 430 22.54 -13.52 -6.07
C ALA A 430 23.98 -13.59 -6.54
N LEU A 431 24.17 -13.36 -7.84
CA LEU A 431 25.49 -13.34 -8.46
C LEU A 431 25.56 -12.13 -9.39
N ASP A 432 26.67 -11.41 -9.33
CA ASP A 432 26.85 -10.24 -10.18
C ASP A 432 27.47 -10.70 -11.50
N VAL A 433 26.65 -10.67 -12.56
CA VAL A 433 27.11 -11.11 -13.89
C VAL A 433 27.11 -9.98 -14.93
N THR A 434 27.28 -8.75 -14.46
CA THR A 434 27.30 -7.59 -15.35
C THR A 434 28.48 -7.66 -16.32
N GLU A 435 29.65 -8.07 -15.82
CA GLU A 435 30.85 -8.20 -16.65
C GLU A 435 30.66 -9.20 -17.79
N LYS A 436 30.25 -10.42 -17.45
CA LYS A 436 30.05 -11.46 -18.45
C LYS A 436 28.89 -11.10 -19.37
N ALA A 437 27.93 -10.36 -18.85
CA ALA A 437 26.78 -9.93 -19.64
C ALA A 437 27.20 -9.02 -20.80
N LYS A 438 28.17 -8.15 -20.56
CA LYS A 438 28.66 -7.24 -21.59
C LYS A 438 29.46 -8.01 -22.64
N GLU A 439 30.19 -9.04 -22.21
CA GLU A 439 30.99 -9.86 -23.12
C GLU A 439 30.12 -10.58 -24.16
N VAL A 440 28.94 -11.04 -23.74
CA VAL A 440 28.02 -11.74 -24.63
C VAL A 440 27.51 -10.85 -25.76
N ILE A 441 27.38 -9.55 -25.48
CA ILE A 441 26.89 -8.58 -26.45
C ILE A 441 27.92 -8.27 -27.53
N GLN A 442 29.18 -8.13 -27.13
CA GLN A 442 30.26 -7.82 -28.07
C GLN A 442 30.41 -8.94 -29.10
N LEU A 443 30.24 -10.18 -28.67
CA LEU A 443 30.34 -11.34 -29.55
C LEU A 443 29.20 -11.41 -30.56
N HIS A 444 27.99 -11.00 -30.14
CA HIS A 444 26.82 -11.03 -31.01
C HIS A 444 25.92 -9.81 -30.80
N PRO A 445 26.14 -8.74 -31.58
CA PRO A 445 25.31 -7.54 -31.48
C PRO A 445 24.10 -7.59 -32.41
N THR A 446 23.06 -6.82 -32.09
CA THR A 446 21.84 -6.79 -32.90
C THR A 446 22.07 -6.04 -34.21
N GLU A 453 15.14 5.68 -29.95
CA GLU A 453 15.71 6.46 -31.04
C GLU A 453 15.03 7.82 -31.12
N ALA A 454 13.70 7.82 -31.07
CA ALA A 454 12.91 9.06 -31.09
C ALA A 454 12.93 9.66 -29.68
N PRO A 455 12.69 10.98 -29.57
CA PRO A 455 12.75 11.64 -28.26
C PRO A 455 11.56 11.35 -27.35
N LEU A 456 11.84 10.94 -26.11
CA LEU A 456 10.81 10.66 -25.13
C LEU A 456 10.20 11.99 -24.69
N VAL A 457 8.93 12.21 -25.01
CA VAL A 457 8.26 13.47 -24.69
C VAL A 457 7.53 13.47 -23.35
N THR A 458 7.78 14.49 -22.54
CA THR A 458 7.13 14.67 -21.25
C THR A 458 5.85 15.47 -21.50
N PHE A 459 4.76 15.07 -20.86
CA PHE A 459 3.47 15.75 -21.05
C PHE A 459 2.92 16.34 -19.76
N PRO A 460 2.08 17.39 -19.88
CA PRO A 460 1.45 17.92 -18.68
C PRO A 460 0.44 16.91 -18.15
N PRO A 461 0.28 16.82 -16.82
CA PRO A 461 -0.67 15.82 -16.30
C PRO A 461 -2.10 16.11 -16.74
N ARG A 462 -2.91 15.06 -16.85
CA ARG A 462 -4.30 15.21 -17.22
C ARG A 462 -5.04 15.86 -16.07
N ALA A 463 -5.96 16.77 -16.38
CA ALA A 463 -6.74 17.41 -15.35
C ALA A 463 -7.87 16.47 -14.93
N LEU A 464 -8.23 16.49 -13.66
CA LEU A 464 -9.30 15.63 -13.13
C LEU A 464 -10.53 16.48 -12.85
N HIS A 465 -11.72 15.96 -13.19
CA HIS A 465 -12.96 16.68 -12.92
C HIS A 465 -13.40 16.28 -11.51
N CYS A 466 -12.80 16.92 -10.50
CA CYS A 466 -13.10 16.62 -9.10
C CYS A 466 -14.58 16.65 -8.73
N SER A 467 -15.33 17.57 -9.31
CA SER A 467 -16.76 17.70 -9.01
C SER A 467 -17.62 16.58 -9.60
N ALA A 468 -17.13 15.92 -10.66
CA ALA A 468 -17.88 14.83 -11.29
C ALA A 468 -17.98 13.63 -10.35
N LEU A 469 -17.07 13.54 -9.38
CA LEU A 469 -17.08 12.44 -8.41
C LEU A 469 -18.27 12.58 -7.46
N ASN A 471 -21.19 13.65 -8.26
CA ASN A 471 -22.36 13.13 -8.98
C ASN A 471 -22.53 11.62 -8.80
N ILE A 472 -21.41 10.91 -8.73
CA ILE A 472 -21.43 9.46 -8.53
C ILE A 472 -21.93 9.16 -7.12
N LEU A 473 -21.49 9.96 -6.14
CA LEU A 473 -21.92 9.77 -4.76
C LEU A 473 -23.42 10.03 -4.59
N THR A 474 -23.93 11.10 -5.19
CA THR A 474 -25.36 11.43 -5.08
C THR A 474 -26.21 10.34 -5.70
N ASP A 475 -25.86 9.89 -6.90
CA ASP A 475 -26.59 8.83 -7.58
C ASP A 475 -26.42 7.51 -6.84
N GLY A 476 -25.32 7.37 -6.11
CA GLY A 476 -25.01 6.13 -5.39
C GLY A 476 -25.21 6.13 -3.89
N LYS A 477 -26.00 7.07 -3.38
CA LYS A 477 -26.30 7.13 -1.94
C LYS A 477 -25.06 7.30 -1.05
N PHE A 478 -24.06 8.04 -1.54
CA PHE A 478 -22.82 8.30 -0.80
C PHE A 478 -22.19 7.03 -0.22
N ARG A 479 -22.30 5.94 -0.97
CA ARG A 479 -21.81 4.64 -0.56
C ARG A 479 -20.29 4.62 -0.79
N VAL A 480 -19.52 4.24 0.22
CA VAL A 480 -18.05 4.18 0.10
C VAL A 480 -17.49 3.02 0.91
N SER A 481 -17.08 1.95 0.24
CA SER A 481 -16.54 0.77 0.91
C SER A 481 -15.73 -0.12 -0.02
N ALA A 482 -14.88 -0.93 0.59
CA ALA A 482 -14.05 -1.86 -0.14
C ALA A 482 -14.42 -3.30 0.17
N LYS A 483 -14.34 -4.15 -0.84
CA LYS A 483 -14.59 -5.58 -0.69
C LYS A 483 -13.24 -6.25 -0.85
N GLY A 484 -12.49 -6.30 0.24
CA GLY A 484 -11.15 -6.88 0.23
C GLY A 484 -10.19 -5.91 -0.40
N LYS A 485 -9.15 -6.43 -1.04
CA LYS A 485 -8.14 -5.61 -1.70
C LYS A 485 -8.45 -5.42 -3.18
N ASP A 486 -9.20 -6.35 -3.75
CA ASP A 486 -9.52 -6.35 -5.18
C ASP A 486 -10.55 -5.34 -5.65
N SER A 487 -11.54 -5.02 -4.82
CA SER A 487 -12.61 -4.12 -5.25
C SER A 487 -12.83 -2.90 -4.36
N LEU A 488 -13.28 -1.81 -4.98
CA LEU A 488 -13.58 -0.56 -4.29
C LEU A 488 -14.89 -0.01 -4.82
N ARG A 489 -15.87 0.17 -3.93
CA ARG A 489 -17.16 0.69 -4.31
C ARG A 489 -17.28 2.17 -3.96
N PHE A 490 -17.64 2.98 -4.96
CA PHE A 490 -17.81 4.40 -4.80
C PHE A 490 -19.15 4.71 -5.45
N GLY A 491 -20.19 4.72 -4.62
CA GLY A 491 -21.56 4.94 -5.09
C GLY A 491 -22.05 3.61 -5.65
N LYS A 492 -22.48 3.62 -6.91
CA LYS A 492 -22.94 2.41 -7.59
C LYS A 492 -21.79 1.81 -8.42
N GLU A 493 -20.66 2.53 -8.49
CA GLU A 493 -19.52 2.11 -9.30
C GLU A 493 -18.52 1.22 -8.55
N PHE A 494 -18.11 0.14 -9.22
CA PHE A 494 -17.14 -0.81 -8.67
C PHE A 494 -15.85 -0.73 -9.46
N THR A 495 -14.74 -0.55 -8.75
CA THR A 495 -13.42 -0.45 -9.38
C THR A 495 -12.60 -1.69 -9.10
N ASP A 496 -12.12 -2.32 -10.15
CA ASP A 496 -11.30 -3.52 -10.02
C ASP A 496 -9.84 -3.13 -9.76
N LEU A 497 -9.32 -3.57 -8.62
CA LEU A 497 -7.95 -3.25 -8.22
C LEU A 497 -7.07 -4.50 -8.12
N SER A 498 -7.48 -5.57 -8.81
CA SER A 498 -6.75 -6.84 -8.80
C SER A 498 -5.30 -6.71 -9.24
N ALA A 499 -5.09 -5.95 -10.31
CA ALA A 499 -3.74 -5.76 -10.87
C ALA A 499 -2.77 -5.09 -9.90
N LEU A 500 -3.29 -4.26 -9.00
CA LEU A 500 -2.46 -3.57 -8.02
C LEU A 500 -2.13 -4.58 -6.93
N GLU A 501 -1.17 -5.46 -7.23
CA GLU A 501 -0.78 -6.51 -6.29
C GLU A 501 0.09 -6.02 -5.14
N GLN A 502 0.62 -4.81 -5.26
CA GLN A 502 1.43 -4.23 -4.19
C GLN A 502 0.58 -3.84 -2.98
N LEU A 503 -0.71 -3.59 -3.18
CA LEU A 503 -1.59 -3.22 -2.07
C LEU A 503 -1.53 -4.29 -0.99
N GLU A 504 -1.54 -3.85 0.27
CA GLU A 504 -1.42 -4.76 1.40
C GLU A 504 -2.74 -5.02 2.14
N SER A 505 -3.48 -3.96 2.45
CA SER A 505 -4.72 -4.09 3.21
C SER A 505 -5.92 -3.43 2.56
N SER A 506 -7.11 -3.94 2.91
CA SER A 506 -8.35 -3.37 2.42
C SER A 506 -8.54 -2.01 3.09
N ASP A 507 -7.84 -1.80 4.21
CA ASP A 507 -7.90 -0.53 4.94
C ASP A 507 -7.44 0.61 4.05
N GLU A 508 -6.36 0.39 3.30
CA GLU A 508 -5.88 1.44 2.40
C GLU A 508 -6.82 1.60 1.20
N VAL A 509 -7.56 0.55 0.84
CA VAL A 509 -8.54 0.63 -0.24
C VAL A 509 -9.69 1.52 0.24
N ASN A 510 -10.10 1.35 1.50
CA ASN A 510 -11.14 2.20 2.07
C ASN A 510 -10.66 3.63 2.11
N ALA A 511 -9.40 3.81 2.51
CA ALA A 511 -8.82 5.14 2.57
C ALA A 511 -8.80 5.78 1.19
N ILE A 512 -8.55 4.98 0.16
CA ILE A 512 -8.54 5.48 -1.22
C ILE A 512 -9.93 6.04 -1.54
N GLY A 513 -10.97 5.32 -1.15
CA GLY A 513 -12.34 5.76 -1.39
C GLY A 513 -12.66 7.04 -0.64
N TRP A 514 -12.13 7.18 0.56
CA TRP A 514 -12.40 8.40 1.35
C TRP A 514 -11.56 9.60 0.88
N VAL A 515 -10.54 9.35 0.08
CA VAL A 515 -9.75 10.44 -0.50
C VAL A 515 -10.57 10.97 -1.66
N TRP A 516 -11.15 10.05 -2.43
CA TRP A 516 -12.03 10.40 -3.56
C TRP A 516 -13.16 11.27 -3.04
N TYR A 517 -13.73 10.86 -1.90
CA TYR A 517 -14.82 11.60 -1.27
C TYR A 517 -14.43 13.06 -1.02
N GLN A 518 -13.17 13.29 -0.68
CA GLN A 518 -12.67 14.65 -0.43
C GLN A 518 -12.46 15.41 -1.73
N LEU A 519 -11.98 14.70 -2.75
CA LEU A 519 -11.77 15.33 -4.06
C LEU A 519 -13.11 15.85 -4.58
N ALA A 520 -14.18 15.11 -4.28
CA ALA A 520 -15.53 15.47 -4.71
C ALA A 520 -16.04 16.78 -4.12
N GLN A 521 -15.45 17.24 -3.03
CA GLN A 521 -15.88 18.46 -2.36
C GLN A 521 -15.39 19.73 -3.06
N HIS A 522 -14.45 19.59 -3.99
CA HIS A 522 -13.88 20.75 -4.69
C HIS A 522 -14.70 21.23 -5.88
N ALA A 523 -14.63 22.55 -6.09
CA ALA A 523 -15.40 23.27 -7.12
C ALA A 523 -15.46 22.65 -8.52
N GLY A 524 -14.30 22.40 -9.14
CA GLY A 524 -14.30 21.85 -10.49
C GLY A 524 -13.09 21.02 -10.86
N TRP A 525 -12.43 21.40 -11.96
CA TRP A 525 -11.26 20.68 -12.44
C TRP A 525 -9.98 21.07 -11.70
N ASN A 526 -9.06 20.11 -11.60
CA ASN A 526 -7.76 20.33 -10.98
C ASN A 526 -6.70 19.85 -11.98
N SER A 527 -5.77 20.74 -12.32
CA SER A 527 -4.74 20.43 -13.32
C SER A 527 -3.55 19.59 -12.81
N ASN A 528 -3.59 19.15 -11.56
CA ASN A 528 -2.53 18.32 -11.02
C ASN A 528 -3.06 17.49 -9.83
N PRO A 529 -3.88 16.47 -10.13
CA PRO A 529 -4.51 15.60 -9.11
C PRO A 529 -3.54 14.90 -8.16
N ALA A 530 -2.44 14.38 -8.70
CA ALA A 530 -1.44 13.70 -7.87
C ALA A 530 -0.91 14.62 -6.77
N LYS A 531 -0.64 15.87 -7.14
CA LYS A 531 -0.14 16.87 -6.19
C LYS A 531 -1.21 17.17 -5.15
N GLN A 532 -2.46 17.28 -5.61
CA GLN A 532 -3.58 17.56 -4.71
C GLN A 532 -3.74 16.43 -3.70
N ILE A 533 -3.74 15.19 -4.21
CA ILE A 533 -3.88 14.01 -3.37
C ILE A 533 -2.76 13.95 -2.32
N SER A 534 -1.55 14.24 -2.75
CA SER A 534 -0.40 14.22 -1.86
C SER A 534 -0.58 15.22 -0.70
N GLU A 535 -1.12 16.39 -1.03
CA GLU A 535 -1.37 17.44 -0.04
C GLU A 535 -2.52 17.09 0.91
N LEU A 536 -3.50 16.32 0.42
CA LEU A 536 -4.63 15.90 1.25
C LEU A 536 -4.18 14.89 2.30
N LEU A 537 -3.18 14.08 1.95
CA LEU A 537 -2.62 13.08 2.84
C LEU A 537 -1.36 13.62 3.53
N GLY A 538 -1.37 14.90 3.86
CA GLY A 538 -0.22 15.56 4.49
C GLY A 538 -0.11 15.38 5.99
N ASP A 539 0.25 14.17 6.41
CA ASP A 539 0.46 13.82 7.83
C ASP A 539 -0.85 13.82 8.66
N ALA A 540 -1.71 14.80 8.45
CA ALA A 540 -3.00 14.85 9.15
C ALA A 540 -4.09 14.27 8.23
N TRP A 541 -3.70 13.29 7.41
CA TRP A 541 -4.58 12.65 6.43
C TRP A 541 -5.91 12.12 6.97
N PHE A 542 -5.93 11.69 8.23
CA PHE A 542 -7.12 11.10 8.83
C PHE A 542 -8.16 12.07 9.39
N GLN A 543 -7.79 13.32 9.64
CA GLN A 543 -8.73 14.28 10.25
C GLN A 543 -9.95 14.57 9.39
N ASN A 544 -9.80 14.57 8.06
CA ASN A 544 -10.93 14.86 7.17
C ASN A 544 -11.70 13.63 6.67
N PRO A 546 -14.01 10.03 7.74
CA PRO A 546 -14.85 9.62 8.85
C PRO A 546 -14.00 8.94 9.91
N GLN A 547 -14.44 9.00 11.16
CA GLN A 547 -13.66 8.42 12.25
C GLN A 547 -13.76 6.89 12.32
N HIS A 548 -13.34 6.22 11.24
CA HIS A 548 -13.35 4.76 11.20
C HIS A 548 -12.01 4.22 11.69
N GLY A 549 -12.03 2.99 12.19
CA GLY A 549 -10.83 2.34 12.70
C GLY A 549 -10.15 1.44 11.68
N ASP A 550 -10.75 1.29 10.51
CA ASP A 550 -10.20 0.43 9.45
C ASP A 550 -9.77 1.24 8.23
N LEU A 551 -8.84 2.17 8.46
CA LEU A 551 -8.27 3.01 7.42
C LEU A 551 -6.74 3.07 7.59
N ALA A 552 -6.03 3.04 6.46
CA ALA A 552 -4.57 3.09 6.44
C ALA A 552 -4.12 4.05 5.34
N LYS A 553 -3.14 4.91 5.63
CA LYS A 553 -2.68 5.89 4.64
C LYS A 553 -2.23 5.21 3.36
N PRO A 554 -2.88 5.54 2.22
CA PRO A 554 -2.50 4.98 0.95
C PRO A 554 -1.50 5.88 0.24
N ARG A 555 -0.76 5.33 -0.72
CA ARG A 555 0.17 6.12 -1.48
C ARG A 555 -0.60 6.96 -2.50
N PRO A 556 -0.14 8.21 -2.74
CA PRO A 556 -0.81 9.06 -3.73
C PRO A 556 -0.88 8.37 -5.09
N ILE A 557 0.19 7.67 -5.45
CA ILE A 557 0.26 6.97 -6.73
C ILE A 557 -0.79 5.86 -6.80
N ASP A 558 -1.12 5.26 -5.66
CA ASP A 558 -2.13 4.20 -5.63
C ASP A 558 -3.55 4.76 -5.79
N VAL A 559 -3.79 5.93 -5.21
CA VAL A 559 -5.10 6.59 -5.32
C VAL A 559 -5.36 6.89 -6.79
N ALA A 561 -3.82 5.40 -9.36
CA ALA A 561 -3.95 4.11 -10.03
C ALA A 561 -5.39 3.60 -9.97
N ALA A 562 -5.99 3.67 -8.79
CA ALA A 562 -7.38 3.22 -8.59
C ALA A 562 -8.33 4.11 -9.38
N LEU A 563 -8.03 5.41 -9.37
CA LEU A 563 -8.84 6.40 -10.05
C LEU A 563 -8.73 6.25 -11.58
N ASN A 564 -7.55 5.86 -12.05
CA ASN A 564 -7.32 5.64 -13.48
C ASN A 564 -8.12 4.46 -14.02
N ARG A 565 -8.56 3.58 -13.11
CA ARG A 565 -9.33 2.40 -13.47
C ARG A 565 -10.82 2.51 -13.17
N ARG A 567 -14.27 3.59 -14.16
CA ARG A 567 -14.89 3.81 -15.48
C ARG A 567 -15.65 5.12 -15.70
N LYS A 568 -15.98 5.83 -14.61
CA LYS A 568 -16.70 7.10 -14.73
C LYS A 568 -15.79 8.32 -14.58
N SER A 569 -14.57 8.11 -14.09
CA SER A 569 -13.63 9.22 -13.91
C SER A 569 -13.54 10.10 -15.15
N GLN A 570 -13.56 11.42 -14.93
CA GLN A 570 -13.44 12.38 -16.03
C GLN A 570 -12.07 13.07 -16.02
N PHE A 571 -11.26 12.73 -17.02
CA PHE A 571 -9.95 13.32 -17.21
C PHE A 571 -9.95 14.08 -18.53
N ARG A 572 -9.13 15.11 -18.64
CA ARG A 572 -9.02 15.85 -19.89
C ARG A 572 -7.56 16.22 -20.15
N ASN A 573 -7.32 16.77 -21.34
CA ASN A 573 -6.00 17.23 -21.73
C ASN A 573 -6.03 18.72 -22.03
N ASN A 574 -5.38 19.52 -21.19
CA ASN A 574 -5.30 20.96 -21.40
C ASN A 574 -4.32 21.18 -22.57
N HIS A 575 -4.58 20.47 -23.65
CA HIS A 575 -3.72 20.47 -24.81
C HIS A 575 -4.52 19.95 -26.01
#